data_9OF0
#
_entry.id   9OF0
#
_cell.length_a   1.00
_cell.length_b   1.00
_cell.length_c   1.00
_cell.angle_alpha   90.00
_cell.angle_beta   90.00
_cell.angle_gamma   90.00
#
_symmetry.space_group_name_H-M   'P 1'
#
loop_
_entity.id
_entity.type
_entity.pdbx_description
1 polymer 'Endothelial PAS domain-containing protein 1'
2 polymer 'Aryl hydrocarbon receptor nuclear translocator'
3 polymer '20-nt Hypoxia Response Element DNA (Forward)'
4 polymer '20-nt Hypoxia Response Element DNA (Reverse)'
#
loop_
_entity_poly.entity_id
_entity_poly.type
_entity_poly.pdbx_seq_one_letter_code
_entity_poly.pdbx_strand_id
1 'polypeptide(L)'
;MGSSHHHHHHSQDPGKEKKRSSSERRKEKSRDAARCRRSKETEVFYELAHELPLPHSVSSHLDKASIMRLAISFLRTHKL
LSSVCSENESEAEADQQMDNLYLKALEGFIAVVTQDGDMIFLSENISKFMGLTQVELTGHSIFDFTHPCDHEEIRENLSL
KNGSGFGKKSKDMSTERDFFMRMKCTVTNRGRTVNLKSATWKVLHCTGQVKVYNNCPPHNSLCGYKEPLLSCLIIMCEPI
QHPSHMDIPLDSKTFLSRHSMDMKFTYCDDRITELIGYHPEELLGRSAYEFYHALDSENMTKSHQNLCTKGQVVSGQYRM
LAKHGGYVWLETQGTVIYNPRNLQPQCIMCVNYVLSEIEKNDVVFSMDQTES
;
A
2 'polypeptide(L)'
;MRENHSEIERRRRNKMTAYITELSDMVPTCSALARKPDKLTILRMAVSHMKSLRGTGNTSTDGSYKPSFLTDQELKHLIL
EAADGFLFIVSCETGRVVYVSDSVTPVLNQPQSEWFGSTLYDQVHPDDVDKLREQLSTSENALTGRILDLKTGTVKKEGQ
QSSMRMCMGSRRSFICRMRCGSSSVDPVSVNRLSFVRNRCRNGLGSVKDGEPHFVVVHCTGYIKAWPPAGVSLPDDDPEA
GQGSKFCLVAIGRLQVTSSPNCTDMSNVCQPTEFISRHNIEGIFTFVDHRCVATVGYQPQELLGKNIVEFCHPEDQQLLR
DSFQQVVKLKGQVLSVMFRFRSKNQEWLWMRTSSFTFQNPYSDEIEYIICTNTNVKNSSQE
;
B
3 'polydeoxyribonucleotide'
;(DG)(DG)(DC)(DT)(DG)(DC)(DG)(DT)(DA)(DC)(DG)(DT)(DG)(DC)(DG)(DG)(DG)(DT)(DC)(DG)
(DT)
;
C
4 'polydeoxyribonucleotide'
;(DC)(DA)(DC)(DG)(DA)(DC)(DC)(DC)(DG)(DC)(DA)(DC)(DG)(DT)(DA)(DC)(DG)(DC)(DA)(DG)
(DC)
;
D
#
loop_
_chem_comp.id
_chem_comp.type
_chem_comp.name
_chem_comp.formula
DA DNA linking 2'-DEOXYADENOSINE-5'-MONOPHOSPHATE 'C10 H14 N5 O6 P'
DC DNA linking 2'-DEOXYCYTIDINE-5'-MONOPHOSPHATE 'C9 H14 N3 O7 P'
DG DNA linking 2'-DEOXYGUANOSINE-5'-MONOPHOSPHATE 'C10 H14 N5 O7 P'
DT DNA linking THYMIDINE-5'-MONOPHOSPHATE 'C10 H15 N2 O8 P'
#
# COMPACT_ATOMS: atom_id res chain seq x y z
N SER A 22 -12.13 -46.66 52.28
CA SER A 22 -12.98 -45.59 51.77
C SER A 22 -12.21 -44.64 50.86
N SER A 23 -11.00 -44.25 51.26
CA SER A 23 -10.13 -43.49 50.38
C SER A 23 -9.81 -44.24 49.11
N GLU A 24 -9.63 -45.55 49.24
CA GLU A 24 -9.38 -46.39 48.07
C GLU A 24 -10.57 -46.29 47.15
N ARG A 25 -11.76 -46.62 47.65
CA ARG A 25 -12.93 -46.60 46.78
C ARG A 25 -13.12 -45.23 46.13
N ARG A 26 -12.87 -44.15 46.88
CA ARG A 26 -12.96 -42.82 46.27
C ARG A 26 -11.97 -42.69 45.12
N LYS A 27 -10.71 -43.10 45.35
CA LYS A 27 -9.71 -43.00 44.30
C LYS A 27 -10.04 -43.89 43.11
N GLU A 28 -10.75 -44.99 43.33
CA GLU A 28 -11.17 -45.87 42.25
C GLU A 28 -12.42 -45.38 41.54
N LYS A 29 -13.19 -44.48 42.17
CA LYS A 29 -14.34 -43.85 41.52
C LYS A 29 -14.03 -42.41 41.10
N SER A 30 -12.77 -41.98 41.25
CA SER A 30 -12.32 -40.71 40.71
C SER A 30 -11.36 -40.91 39.55
N ARG A 31 -11.04 -42.18 39.24
CA ARG A 31 -10.19 -42.51 38.11
C ARG A 31 -11.07 -43.06 37.00
N ASP A 32 -12.38 -43.12 37.24
CA ASP A 32 -13.33 -43.67 36.28
C ASP A 32 -14.18 -42.55 35.69
N ALA A 33 -14.62 -41.62 36.54
CA ALA A 33 -15.40 -40.49 36.04
C ALA A 33 -14.58 -39.66 35.08
N ALA A 34 -13.29 -39.45 35.38
CA ALA A 34 -12.44 -38.64 34.52
C ALA A 34 -12.32 -39.28 33.14
N ARG A 35 -12.26 -40.60 33.05
CA ARG A 35 -12.17 -41.26 31.76
C ARG A 35 -13.41 -40.98 30.92
N CYS A 36 -14.60 -41.10 31.52
CA CYS A 36 -15.83 -40.80 30.79
C CYS A 36 -15.88 -39.34 30.36
N ARG A 37 -15.45 -38.43 31.25
CA ARG A 37 -15.45 -37.02 30.89
C ARG A 37 -14.53 -36.76 29.70
N ARG A 38 -13.35 -37.37 29.73
CA ARG A 38 -12.41 -37.23 28.62
C ARG A 38 -13.05 -37.70 27.34
N SER A 39 -13.63 -38.89 27.38
CA SER A 39 -14.24 -39.46 26.19
C SER A 39 -15.31 -38.54 25.62
N LYS A 40 -16.20 -38.03 26.47
CA LYS A 40 -17.25 -37.16 25.99
C LYS A 40 -16.67 -35.87 25.40
N GLU A 41 -15.67 -35.29 26.04
CA GLU A 41 -15.09 -34.06 25.53
C GLU A 41 -14.43 -34.26 24.17
N THR A 42 -13.68 -35.36 24.04
CA THR A 42 -12.99 -35.60 22.78
C THR A 42 -13.98 -35.93 21.67
N GLU A 43 -15.11 -36.55 22.02
CA GLU A 43 -16.14 -36.79 21.01
C GLU A 43 -16.85 -35.51 20.58
N VAL A 44 -17.22 -34.65 21.53
CA VAL A 44 -17.88 -33.40 21.17
C VAL A 44 -16.95 -32.53 20.33
N PHE A 45 -15.65 -32.54 20.63
CA PHE A 45 -14.74 -31.70 19.85
C PHE A 45 -14.74 -32.09 18.39
N TYR A 46 -14.71 -33.39 18.07
CA TYR A 46 -14.78 -33.81 16.68
C TYR A 46 -16.19 -33.74 16.12
N GLU A 47 -17.20 -33.61 16.98
CA GLU A 47 -18.51 -33.18 16.49
C GLU A 47 -18.45 -31.75 15.98
N LEU A 48 -17.69 -30.88 16.66
CA LEU A 48 -17.56 -29.48 16.26
C LEU A 48 -16.58 -29.29 15.10
N ALA A 49 -15.80 -30.30 14.73
CA ALA A 49 -14.81 -30.15 13.68
C ALA A 49 -15.40 -30.33 12.29
N HIS A 50 -16.53 -31.01 12.17
CA HIS A 50 -17.14 -31.19 10.86
C HIS A 50 -18.00 -29.99 10.47
N GLU A 51 -18.67 -29.38 11.44
CA GLU A 51 -19.52 -28.23 11.14
C GLU A 51 -18.73 -27.05 10.59
N LEU A 52 -17.41 -27.02 10.77
CA LEU A 52 -16.61 -26.00 10.13
C LEU A 52 -16.70 -26.15 8.62
N PRO A 53 -16.68 -25.05 7.86
CA PRO A 53 -16.75 -25.16 6.41
C PRO A 53 -15.42 -25.58 5.78
N LEU A 54 -15.04 -26.84 6.00
CA LEU A 54 -13.82 -27.40 5.42
C LEU A 54 -14.10 -28.79 4.89
N PRO A 55 -13.28 -29.28 3.96
CA PRO A 55 -13.41 -30.68 3.54
C PRO A 55 -13.23 -31.61 4.73
N HIS A 56 -14.02 -32.68 4.75
CA HIS A 56 -14.02 -33.58 5.89
C HIS A 56 -12.65 -34.18 6.18
N SER A 57 -11.86 -34.47 5.15
CA SER A 57 -10.53 -35.04 5.37
C SER A 57 -9.64 -34.08 6.15
N VAL A 58 -9.63 -32.80 5.78
CA VAL A 58 -8.82 -31.83 6.49
C VAL A 58 -9.32 -31.66 7.92
N SER A 59 -10.63 -31.57 8.09
CA SER A 59 -11.18 -31.29 9.42
C SER A 59 -11.07 -32.48 10.36
N SER A 60 -10.92 -33.68 9.81
CA SER A 60 -10.80 -34.87 10.65
C SER A 60 -9.43 -34.98 11.32
N HIS A 61 -8.46 -34.16 10.93
CA HIS A 61 -7.10 -34.26 11.47
C HIS A 61 -6.68 -32.98 12.19
N LEU A 62 -7.61 -32.10 12.56
CA LEU A 62 -7.27 -30.88 13.25
C LEU A 62 -7.19 -31.13 14.76
N ASP A 63 -6.14 -30.59 15.38
CA ASP A 63 -6.03 -30.65 16.83
C ASP A 63 -7.15 -29.82 17.47
N LYS A 64 -7.20 -29.85 18.80
CA LYS A 64 -8.31 -29.22 19.50
C LYS A 64 -8.17 -27.70 19.48
N ALA A 65 -6.96 -27.18 19.66
CA ALA A 65 -6.76 -25.74 19.62
C ALA A 65 -7.13 -25.19 18.25
N SER A 66 -6.73 -25.87 17.17
CA SER A 66 -7.07 -25.40 15.83
C SER A 66 -8.57 -25.40 15.62
N ILE A 67 -9.27 -26.43 16.11
CA ILE A 67 -10.73 -26.47 15.98
C ILE A 67 -11.35 -25.28 16.69
N MET A 68 -10.92 -25.01 17.91
CA MET A 68 -11.48 -23.88 18.65
C MET A 68 -11.21 -22.56 17.93
N ARG A 69 -9.99 -22.41 17.45
CA ARG A 69 -9.63 -21.19 16.74
C ARG A 69 -10.50 -20.98 15.53
N LEU A 70 -10.58 -21.98 14.66
CA LEU A 70 -11.36 -21.83 13.43
C LEU A 70 -12.83 -21.58 13.74
N ALA A 71 -13.38 -22.26 14.73
CA ALA A 71 -14.78 -22.05 15.06
C ALA A 71 -15.02 -20.61 15.50
N ILE A 72 -14.15 -20.08 16.37
CA ILE A 72 -14.32 -18.70 16.83
C ILE A 72 -14.21 -17.74 15.66
N SER A 73 -13.21 -17.95 14.79
CA SER A 73 -13.03 -17.05 13.66
C SER A 73 -14.23 -17.08 12.72
N PHE A 74 -14.76 -18.26 12.44
CA PHE A 74 -15.92 -18.37 11.56
C PHE A 74 -17.13 -17.65 12.14
N LEU A 75 -17.39 -17.86 13.43
CA LEU A 75 -18.53 -17.18 14.03
C LEU A 75 -18.35 -15.67 13.98
N ARG A 76 -17.12 -15.19 14.23
CA ARG A 76 -16.88 -13.75 14.21
C ARG A 76 -17.10 -13.19 12.81
N THR A 77 -16.60 -13.88 11.80
CA THR A 77 -16.75 -13.41 10.44
C THR A 77 -18.21 -13.36 10.03
N HIS A 78 -18.97 -14.39 10.39
CA HIS A 78 -20.39 -14.39 10.09
C HIS A 78 -21.10 -13.24 10.79
N LYS A 79 -20.74 -12.97 12.04
CA LYS A 79 -21.32 -11.83 12.74
C LYS A 79 -21.00 -10.53 12.01
N LEU A 80 -19.84 -10.48 11.37
CA LEU A 80 -19.45 -9.28 10.63
C LEU A 80 -20.29 -9.12 9.39
N LEU A 81 -20.34 -10.15 8.56
CA LEU A 81 -21.07 -10.05 7.30
C LEU A 81 -22.57 -9.93 7.52
N SER A 82 -23.08 -10.36 8.69
CA SER A 82 -24.48 -10.13 8.99
C SER A 82 -24.77 -8.64 9.09
N SER A 83 -23.79 -7.85 9.55
CA SER A 83 -23.96 -6.41 9.61
C SER A 83 -23.55 -5.73 8.31
N VAL A 84 -22.79 -6.41 7.46
CA VAL A 84 -22.40 -5.82 6.16
C VAL A 84 -23.41 -6.17 5.07
N CYS A 85 -24.18 -7.26 5.24
CA CYS A 85 -25.05 -7.77 4.19
C CYS A 85 -26.51 -7.35 4.39
N ASP A 95 -26.17 -11.45 -11.73
CA ASP A 95 -25.04 -10.93 -10.97
C ASP A 95 -24.43 -11.98 -10.05
N GLN A 96 -24.74 -13.25 -10.25
CA GLN A 96 -24.19 -14.32 -9.44
C GLN A 96 -23.31 -15.29 -10.22
N GLN A 97 -23.14 -15.10 -11.53
CA GLN A 97 -22.26 -15.96 -12.31
C GLN A 97 -20.88 -15.35 -12.51
N MET A 98 -20.75 -14.03 -12.41
CA MET A 98 -19.47 -13.35 -12.59
C MET A 98 -18.81 -12.97 -11.27
N ASP A 99 -19.36 -13.43 -10.15
CA ASP A 99 -18.81 -13.10 -8.84
C ASP A 99 -17.53 -13.86 -8.56
N ASN A 100 -17.37 -15.02 -9.21
CA ASN A 100 -16.20 -15.84 -8.95
C ASN A 100 -14.95 -15.30 -9.63
N LEU A 101 -15.09 -14.34 -10.54
CA LEU A 101 -13.93 -13.75 -11.21
C LEU A 101 -13.23 -12.71 -10.35
N TYR A 102 -13.89 -12.17 -9.32
CA TYR A 102 -13.31 -11.10 -8.53
C TYR A 102 -12.00 -11.56 -7.89
N LEU A 103 -11.99 -12.75 -7.29
CA LEU A 103 -10.79 -13.20 -6.60
C LEU A 103 -9.64 -13.42 -7.57
N LYS A 104 -9.88 -14.10 -8.69
CA LYS A 104 -8.79 -14.36 -9.63
C LYS A 104 -8.31 -13.08 -10.31
N ALA A 105 -9.17 -12.06 -10.39
CA ALA A 105 -8.77 -10.80 -11.02
C ALA A 105 -8.04 -9.88 -10.06
N LEU A 106 -7.48 -10.40 -8.97
CA LEU A 106 -6.82 -9.56 -7.99
C LEU A 106 -5.34 -9.93 -7.88
N GLU A 107 -4.49 -8.92 -7.76
CA GLU A 107 -3.07 -9.12 -7.50
C GLU A 107 -2.78 -8.91 -6.01
N GLY A 108 -3.00 -9.95 -5.24
CA GLY A 108 -2.84 -9.89 -3.81
C GLY A 108 -3.92 -10.71 -3.14
N PHE A 109 -3.99 -10.58 -1.83
CA PHE A 109 -4.98 -11.30 -1.03
C PHE A 109 -5.62 -10.35 -0.04
N ILE A 110 -6.83 -10.72 0.39
CA ILE A 110 -7.59 -9.95 1.36
C ILE A 110 -7.20 -10.41 2.76
N ALA A 111 -7.52 -9.62 3.76
CA ALA A 111 -7.27 -9.99 5.14
C ALA A 111 -8.09 -9.08 6.05
N VAL A 112 -8.79 -9.68 7.00
CA VAL A 112 -9.58 -8.95 7.99
C VAL A 112 -8.90 -9.12 9.34
N VAL A 113 -8.62 -8.02 10.01
CA VAL A 113 -7.93 -8.02 11.29
C VAL A 113 -8.75 -7.21 12.29
N THR A 114 -9.02 -7.80 13.45
CA THR A 114 -9.76 -7.10 14.48
C THR A 114 -8.85 -6.13 15.21
N GLN A 115 -9.45 -5.33 16.10
CA GLN A 115 -8.68 -4.31 16.81
C GLN A 115 -7.62 -4.90 17.73
N ASP A 116 -7.72 -6.19 18.05
CA ASP A 116 -6.74 -6.84 18.91
C ASP A 116 -5.67 -7.59 18.14
N GLY A 117 -5.71 -7.59 16.81
CA GLY A 117 -4.71 -8.25 16.01
C GLY A 117 -5.06 -9.67 15.58
N ASP A 118 -6.31 -10.09 15.75
CA ASP A 118 -6.71 -11.44 15.40
C ASP A 118 -7.18 -11.49 13.95
N MET A 119 -6.47 -12.27 13.13
CA MET A 119 -6.83 -12.44 11.72
C MET A 119 -8.03 -13.35 11.64
N ILE A 120 -9.20 -12.77 11.35
CA ILE A 120 -10.44 -13.54 11.34
C ILE A 120 -10.86 -13.97 9.93
N PHE A 121 -10.04 -13.69 8.92
CA PHE A 121 -10.31 -14.20 7.57
C PHE A 121 -9.12 -13.91 6.69
N LEU A 122 -8.89 -14.78 5.71
CA LEU A 122 -7.84 -14.60 4.72
C LEU A 122 -8.26 -15.29 3.43
N SER A 123 -8.00 -14.60 2.31
CA SER A 123 -8.36 -15.14 1.01
C SER A 123 -7.67 -16.47 0.73
N GLU A 124 -8.33 -17.32 -0.04
CA GLU A 124 -7.78 -18.64 -0.33
C GLU A 124 -6.51 -18.58 -1.17
N ASN A 125 -6.31 -17.54 -1.97
CA ASN A 125 -5.11 -17.42 -2.78
C ASN A 125 -3.91 -16.89 -2.01
N ILE A 126 -3.97 -16.88 -0.68
CA ILE A 126 -2.83 -16.47 0.12
C ILE A 126 -1.68 -17.45 -0.06
N SER A 127 -1.97 -18.73 -0.23
CA SER A 127 -0.92 -19.72 -0.34
C SER A 127 -0.03 -19.51 -1.56
N LYS A 128 -0.48 -18.70 -2.52
CA LYS A 128 0.33 -18.47 -3.70
C LYS A 128 1.33 -17.32 -3.49
N PHE A 129 1.01 -16.38 -2.60
CA PHE A 129 1.90 -15.25 -2.36
C PHE A 129 2.88 -15.50 -1.22
N MET A 130 2.43 -16.08 -0.11
CA MET A 130 3.28 -16.36 1.02
C MET A 130 3.59 -17.83 1.22
N GLY A 131 2.75 -18.74 0.76
CA GLY A 131 2.94 -20.15 0.98
C GLY A 131 2.28 -20.70 2.23
N LEU A 132 1.80 -19.84 3.12
CA LEU A 132 1.09 -20.30 4.31
C LEU A 132 -0.41 -20.37 4.01
N THR A 133 -0.95 -21.58 4.10
CA THR A 133 -2.34 -21.82 3.75
C THR A 133 -3.28 -20.99 4.63
N GLN A 134 -4.54 -20.89 4.25
CA GLN A 134 -5.42 -20.09 5.06
C GLN A 134 -5.62 -20.76 6.39
N VAL A 135 -5.80 -22.09 6.41
CA VAL A 135 -6.10 -22.75 7.68
C VAL A 135 -4.96 -22.55 8.67
N GLU A 136 -3.73 -22.45 8.19
CA GLU A 136 -2.59 -22.27 9.07
C GLU A 136 -2.57 -20.89 9.72
N LEU A 137 -3.23 -19.91 9.10
CA LEU A 137 -3.23 -18.54 9.58
C LEU A 137 -4.51 -18.15 10.30
N THR A 138 -5.67 -18.55 9.78
CA THR A 138 -6.93 -18.05 10.29
C THR A 138 -6.98 -18.14 11.81
N GLY A 139 -7.33 -17.02 12.44
CA GLY A 139 -7.50 -16.96 13.88
C GLY A 139 -6.26 -16.61 14.66
N HIS A 140 -5.08 -16.72 14.08
CA HIS A 140 -3.84 -16.38 14.77
C HIS A 140 -3.70 -14.87 14.93
N SER A 141 -2.93 -14.47 15.94
CA SER A 141 -2.65 -13.06 16.14
C SER A 141 -1.63 -12.57 15.11
N ILE A 142 -1.90 -11.40 14.55
CA ILE A 142 -1.05 -10.89 13.46
C ILE A 142 0.36 -10.63 13.95
N PHE A 143 0.51 -10.18 15.20
CA PHE A 143 1.82 -9.79 15.69
C PHE A 143 2.81 -10.95 15.71
N ASP A 144 2.32 -12.19 15.63
CA ASP A 144 3.21 -13.33 15.61
C ASP A 144 3.92 -13.50 14.27
N PHE A 145 3.30 -13.06 13.18
CA PHE A 145 3.83 -13.30 11.84
C PHE A 145 4.39 -12.05 11.16
N THR A 146 4.62 -10.97 11.90
CA THR A 146 5.18 -9.75 11.35
C THR A 146 6.46 -9.39 12.09
N HIS A 147 7.32 -8.62 11.42
CA HIS A 147 8.60 -8.27 12.00
C HIS A 147 8.38 -7.41 13.25
N PRO A 148 9.16 -7.65 14.33
CA PRO A 148 8.90 -6.90 15.58
C PRO A 148 9.00 -5.40 15.42
N CYS A 149 9.91 -4.89 14.59
CA CYS A 149 10.07 -3.45 14.45
C CYS A 149 8.85 -2.77 13.85
N ASP A 150 7.99 -3.51 13.14
CA ASP A 150 6.82 -2.94 12.51
C ASP A 150 5.57 -3.04 13.37
N HIS A 151 5.67 -3.59 14.59
CA HIS A 151 4.47 -3.80 15.40
C HIS A 151 3.81 -2.48 15.78
N GLU A 152 4.60 -1.46 16.09
CA GLU A 152 4.03 -0.19 16.49
C GLU A 152 3.21 0.43 15.36
N GLU A 153 3.71 0.28 14.13
CA GLU A 153 3.01 0.82 12.97
C GLU A 153 1.67 0.15 12.84
N ILE A 154 1.66 -1.16 12.87
CA ILE A 154 0.43 -1.92 12.71
C ILE A 154 -0.56 -1.57 13.82
N ARG A 155 -0.05 -1.43 15.05
CA ARG A 155 -0.93 -1.10 16.16
C ARG A 155 -1.54 0.29 15.99
N GLU A 156 -0.76 1.23 15.46
CA GLU A 156 -1.29 2.56 15.18
C GLU A 156 -2.35 2.51 14.09
N ASN A 157 -2.11 1.72 13.04
CA ASN A 157 -3.07 1.66 11.95
C ASN A 157 -4.38 0.99 12.37
N LEU A 158 -4.30 -0.16 13.04
CA LEU A 158 -5.50 -0.89 13.44
C LEU A 158 -6.45 -0.05 14.28
N SER A 159 -5.93 0.91 15.04
CA SER A 159 -6.71 1.63 16.03
C SER A 159 -7.36 2.86 15.39
N LEU A 160 -8.60 3.13 15.79
CA LEU A 160 -9.30 4.36 15.39
C LEU A 160 -8.73 5.49 16.25
N LYS A 161 -7.86 6.29 15.63
CA LYS A 161 -7.14 7.31 16.38
C LYS A 161 -8.09 8.44 16.76
N SER A 174 -10.49 9.67 9.53
CA SER A 174 -9.94 9.00 8.37
C SER A 174 -10.05 7.49 8.56
N THR A 175 -11.03 6.87 7.91
CA THR A 175 -11.18 5.42 7.97
C THR A 175 -10.31 4.70 6.96
N GLU A 176 -9.52 5.44 6.18
CA GLU A 176 -8.65 4.83 5.19
C GLU A 176 -7.28 4.56 5.80
N ARG A 177 -6.59 3.56 5.26
CA ARG A 177 -5.28 3.18 5.75
C ARG A 177 -4.36 2.76 4.59
N ASP A 178 -3.07 3.09 4.66
CA ASP A 178 -2.10 2.68 3.65
C ASP A 178 -0.74 2.67 4.31
N PHE A 179 -0.11 1.50 4.37
CA PHE A 179 1.19 1.37 5.01
C PHE A 179 1.88 0.14 4.45
N PHE A 180 3.16 -0.01 4.82
CA PHE A 180 3.95 -1.16 4.45
C PHE A 180 4.27 -1.97 5.70
N MET A 181 4.32 -3.30 5.55
CA MET A 181 4.67 -4.16 6.67
C MET A 181 5.38 -5.39 6.13
N ARG A 182 6.07 -6.07 7.05
CA ARG A 182 6.76 -7.30 6.69
C ARG A 182 6.00 -8.44 7.33
N MET A 183 5.84 -9.54 6.61
CA MET A 183 5.07 -10.68 7.08
C MET A 183 5.71 -11.95 6.55
N LYS A 184 5.79 -12.97 7.39
CA LYS A 184 6.58 -14.15 7.07
C LYS A 184 6.13 -14.78 5.75
N CYS A 185 7.10 -15.16 4.93
CA CYS A 185 6.85 -15.81 3.65
C CYS A 185 7.74 -17.05 3.55
N THR A 186 7.10 -18.21 3.37
CA THR A 186 7.83 -19.47 3.25
C THR A 186 8.04 -19.92 1.81
N VAL A 187 7.78 -19.04 0.84
CA VAL A 187 7.99 -19.36 -0.56
C VAL A 187 9.37 -18.85 -0.97
N THR A 188 10.18 -19.74 -1.54
CA THR A 188 11.51 -19.35 -2.00
C THR A 188 11.43 -18.73 -3.39
N ASN A 189 12.52 -18.10 -3.81
CA ASN A 189 12.56 -17.42 -5.09
C ASN A 189 12.31 -18.38 -6.26
N ARG A 190 12.63 -19.65 -6.10
CA ARG A 190 12.42 -20.65 -7.14
C ARG A 190 11.00 -21.19 -7.15
N GLY A 191 10.19 -20.84 -6.16
CA GLY A 191 8.81 -21.30 -6.10
C GLY A 191 8.56 -22.46 -5.16
N ARG A 192 9.54 -22.87 -4.36
CA ARG A 192 9.36 -23.97 -3.44
C ARG A 192 8.80 -23.47 -2.11
N THR A 193 8.42 -24.40 -1.24
CA THR A 193 7.95 -24.08 0.10
C THR A 193 8.91 -24.70 1.13
N VAL A 194 9.14 -23.98 2.21
CA VAL A 194 10.07 -24.41 3.25
C VAL A 194 9.39 -24.28 4.61
N ASN A 195 9.99 -24.94 5.61
CA ASN A 195 9.43 -24.94 6.95
C ASN A 195 9.41 -23.51 7.51
N LEU A 196 8.46 -23.27 8.42
CA LEU A 196 8.27 -21.94 8.97
C LEU A 196 9.55 -21.40 9.58
N LYS A 197 10.39 -22.27 10.16
CA LYS A 197 11.61 -21.79 10.80
C LYS A 197 12.55 -21.13 9.80
N SER A 198 12.52 -21.57 8.54
CA SER A 198 13.35 -20.98 7.49
C SER A 198 12.60 -19.87 6.75
N ALA A 199 11.64 -19.22 7.40
CA ALA A 199 10.84 -18.21 6.74
C ALA A 199 11.62 -16.91 6.57
N THR A 200 11.48 -16.31 5.40
CA THR A 200 12.04 -15.00 5.11
C THR A 200 10.99 -13.93 5.38
N TRP A 201 11.36 -12.68 5.11
CA TRP A 201 10.46 -11.56 5.31
C TRP A 201 10.03 -10.98 3.97
N LYS A 202 8.73 -10.78 3.80
CA LYS A 202 8.15 -10.26 2.57
C LYS A 202 7.41 -8.97 2.88
N VAL A 203 7.61 -7.94 2.05
CA VAL A 203 7.01 -6.64 2.28
C VAL A 203 5.71 -6.53 1.50
N LEU A 204 4.64 -6.17 2.20
CA LEU A 204 3.31 -6.14 1.63
C LEU A 204 2.75 -4.73 1.70
N HIS A 205 2.27 -4.23 0.56
CA HIS A 205 1.64 -2.91 0.48
C HIS A 205 0.18 -3.06 0.86
N CYS A 206 -0.17 -2.66 2.09
CA CYS A 206 -1.51 -2.85 2.63
C CYS A 206 -2.35 -1.61 2.35
N THR A 207 -3.53 -1.81 1.78
CA THR A 207 -4.48 -0.75 1.52
C THR A 207 -5.87 -1.21 1.89
N GLY A 208 -6.68 -0.31 2.42
CA GLY A 208 -8.02 -0.67 2.84
C GLY A 208 -8.60 0.37 3.76
N GLN A 209 -9.54 -0.06 4.59
CA GLN A 209 -10.21 0.84 5.52
C GLN A 209 -10.64 0.07 6.76
N VAL A 210 -10.88 0.81 7.83
CA VAL A 210 -11.41 0.25 9.07
C VAL A 210 -12.89 0.59 9.15
N LYS A 211 -13.72 -0.40 9.49
CA LYS A 211 -15.16 -0.21 9.56
C LYS A 211 -15.64 -0.59 10.96
N VAL A 212 -16.58 0.19 11.48
CA VAL A 212 -17.10 0.01 12.82
C VAL A 212 -18.51 -0.57 12.71
N TYR A 213 -18.80 -1.62 13.48
CA TYR A 213 -20.03 -2.38 13.35
C TYR A 213 -20.82 -2.29 14.65
N ASN A 214 -22.07 -1.86 14.55
CA ASN A 214 -22.93 -1.76 15.72
C ASN A 214 -23.51 -3.12 16.06
N LEU A 229 -17.74 -1.41 20.71
CA LEU A 229 -17.75 -1.28 19.26
C LEU A 229 -16.62 -2.10 18.65
N LEU A 230 -16.96 -2.96 17.69
CA LEU A 230 -15.98 -3.85 17.07
C LEU A 230 -15.40 -3.15 15.85
N SER A 231 -14.10 -2.87 15.88
CA SER A 231 -13.40 -2.22 14.78
C SER A 231 -12.54 -3.25 14.06
N CYS A 232 -12.90 -3.55 12.82
CA CYS A 232 -12.18 -4.54 12.02
C CYS A 232 -11.53 -3.85 10.82
N LEU A 233 -10.23 -4.06 10.67
CA LEU A 233 -9.47 -3.43 9.60
C LEU A 233 -9.43 -4.35 8.39
N ILE A 234 -10.07 -3.92 7.31
CA ILE A 234 -10.11 -4.66 6.06
C ILE A 234 -9.00 -4.12 5.17
N ILE A 235 -8.11 -5.00 4.71
CA ILE A 235 -6.95 -4.60 3.93
C ILE A 235 -6.77 -5.55 2.77
N MET A 236 -6.34 -5.02 1.63
CA MET A 236 -5.93 -5.81 0.49
C MET A 236 -4.41 -5.69 0.36
N CYS A 237 -3.70 -6.78 0.64
CA CYS A 237 -2.25 -6.78 0.66
C CYS A 237 -1.72 -7.09 -0.73
N GLU A 238 -0.80 -6.26 -1.22
CA GLU A 238 -0.25 -6.43 -2.56
C GLU A 238 1.26 -6.61 -2.46
N PRO A 239 1.81 -7.80 -2.71
CA PRO A 239 3.27 -7.95 -2.71
C PRO A 239 3.90 -7.12 -3.82
N ILE A 240 4.96 -6.38 -3.47
CA ILE A 240 5.72 -5.61 -4.44
C ILE A 240 6.77 -6.51 -5.06
N GLN A 241 6.75 -6.64 -6.38
CA GLN A 241 7.59 -7.63 -7.04
C GLN A 241 9.03 -7.13 -7.17
N HIS A 242 9.97 -8.05 -7.03
CA HIS A 242 11.38 -7.71 -7.16
C HIS A 242 11.68 -7.29 -8.59
N PRO A 243 12.45 -6.21 -8.80
CA PRO A 243 12.76 -5.81 -10.18
C PRO A 243 13.48 -6.89 -10.96
N SER A 244 14.31 -7.68 -10.29
CA SER A 244 14.99 -8.78 -10.95
C SER A 244 13.97 -9.76 -11.51
N HIS A 245 13.14 -10.33 -10.64
CA HIS A 245 12.15 -11.33 -11.05
C HIS A 245 10.81 -10.66 -11.33
N MET A 246 10.66 -10.20 -12.57
CA MET A 246 9.43 -9.57 -13.04
C MET A 246 8.84 -10.43 -14.15
N ASP A 247 7.55 -10.75 -14.01
CA ASP A 247 6.82 -11.51 -15.02
C ASP A 247 5.86 -10.63 -15.81
N ILE A 248 5.39 -9.53 -15.23
CA ILE A 248 4.45 -8.63 -15.89
C ILE A 248 5.21 -7.83 -16.93
N PRO A 249 4.74 -7.78 -18.19
CA PRO A 249 5.48 -7.02 -19.20
C PRO A 249 5.44 -5.53 -18.92
N LEU A 250 6.46 -4.82 -19.42
CA LEU A 250 6.56 -3.38 -19.21
C LEU A 250 6.09 -2.61 -20.43
N ASP A 251 5.25 -1.61 -20.20
CA ASP A 251 4.73 -0.77 -21.28
C ASP A 251 5.85 0.04 -21.91
N SER A 252 5.49 0.84 -22.92
CA SER A 252 6.46 1.71 -23.56
C SER A 252 6.84 2.88 -22.67
N LYS A 253 6.01 3.22 -21.70
CA LYS A 253 6.28 4.32 -20.78
C LYS A 253 6.96 3.83 -19.50
N THR A 254 8.17 3.30 -19.64
CA THR A 254 8.93 2.80 -18.51
C THR A 254 10.41 2.86 -18.81
N PHE A 255 11.20 3.24 -17.80
CA PHE A 255 12.65 3.28 -17.92
C PHE A 255 13.25 2.92 -16.57
N LEU A 256 14.28 2.09 -16.61
CA LEU A 256 14.93 1.58 -15.41
C LEU A 256 16.07 2.50 -15.00
N SER A 257 16.33 2.54 -13.70
CA SER A 257 17.42 3.34 -13.15
C SER A 257 17.95 2.66 -11.90
N ARG A 258 19.17 3.01 -11.53
CA ARG A 258 19.81 2.50 -10.33
C ARG A 258 20.35 3.67 -9.52
N HIS A 259 20.47 3.48 -8.21
CA HIS A 259 20.90 4.57 -7.34
C HIS A 259 21.81 4.05 -6.25
N SER A 260 22.61 4.94 -5.69
CA SER A 260 23.30 4.65 -4.45
C SER A 260 22.36 4.91 -3.28
N MET A 261 22.79 4.51 -2.09
CA MET A 261 21.89 4.55 -0.94
C MET A 261 21.46 5.96 -0.58
N ASP A 262 22.14 6.97 -1.08
CA ASP A 262 21.77 8.36 -0.82
C ASP A 262 20.96 8.96 -1.96
N MET A 263 20.47 8.14 -2.88
CA MET A 263 19.66 8.60 -4.03
C MET A 263 20.46 9.48 -4.97
N LYS A 264 21.66 9.04 -5.34
CA LYS A 264 22.40 9.65 -6.43
C LYS A 264 22.46 8.66 -7.58
N PHE A 265 22.01 9.09 -8.75
CA PHE A 265 21.96 8.22 -9.91
C PHE A 265 23.32 7.58 -10.15
N THR A 266 23.33 6.28 -10.42
CA THR A 266 24.52 5.58 -10.87
C THR A 266 24.34 4.90 -12.22
N TYR A 267 23.11 4.73 -12.67
CA TYR A 267 22.83 4.29 -14.03
C TYR A 267 21.38 4.62 -14.35
N CYS A 268 21.16 5.05 -15.58
CA CYS A 268 19.81 5.36 -16.05
C CYS A 268 19.63 4.78 -17.44
N ASP A 269 18.43 4.28 -17.72
CA ASP A 269 18.15 3.66 -19.01
C ASP A 269 18.18 4.72 -20.10
N ASP A 270 18.48 4.28 -21.32
CA ASP A 270 18.59 5.21 -22.44
C ASP A 270 17.25 5.81 -22.83
N ARG A 271 16.15 5.12 -22.56
CA ARG A 271 14.84 5.62 -22.97
C ARG A 271 14.47 6.91 -22.25
N ILE A 272 15.16 7.27 -21.18
CA ILE A 272 14.93 8.56 -20.56
C ILE A 272 15.24 9.69 -21.53
N THR A 273 16.14 9.45 -22.49
CA THR A 273 16.43 10.48 -23.50
C THR A 273 15.18 10.83 -24.30
N GLU A 274 14.41 9.82 -24.70
CA GLU A 274 13.16 10.07 -25.41
C GLU A 274 12.07 10.59 -24.48
N LEU A 275 11.94 10.00 -23.29
CA LEU A 275 10.82 10.33 -22.41
C LEU A 275 10.95 11.72 -21.78
N ILE A 276 12.13 12.07 -21.26
CA ILE A 276 12.30 13.30 -20.53
C ILE A 276 13.29 14.26 -21.19
N GLY A 277 14.24 13.77 -21.96
CA GLY A 277 15.20 14.62 -22.65
C GLY A 277 16.59 14.61 -22.06
N TYR A 278 16.76 14.19 -20.80
CA TYR A 278 18.08 14.11 -20.21
C TYR A 278 18.88 13.00 -20.89
N HIS A 279 20.17 13.24 -21.05
CA HIS A 279 21.04 12.15 -21.46
C HIS A 279 21.39 11.29 -20.25
N PRO A 280 21.65 9.99 -20.44
CA PRO A 280 22.05 9.17 -19.28
C PRO A 280 23.29 9.69 -18.58
N GLU A 281 24.24 10.26 -19.32
CA GLU A 281 25.49 10.72 -18.72
C GLU A 281 25.29 11.96 -17.87
N GLU A 282 24.33 12.82 -18.24
CA GLU A 282 24.11 14.05 -17.51
C GLU A 282 23.63 13.83 -16.08
N LEU A 283 23.18 12.61 -15.75
CA LEU A 283 22.59 12.35 -14.45
C LEU A 283 23.51 11.59 -13.50
N LEU A 284 24.45 10.81 -14.01
CA LEU A 284 25.34 10.05 -13.15
C LEU A 284 26.00 10.98 -12.13
N GLY A 285 25.86 10.65 -10.85
CA GLY A 285 26.50 11.37 -9.79
C GLY A 285 25.75 12.56 -9.25
N ARG A 286 24.62 12.93 -9.85
CA ARG A 286 23.85 14.07 -9.41
C ARG A 286 22.64 13.64 -8.61
N SER A 287 22.52 14.19 -7.40
CA SER A 287 21.49 13.76 -6.48
C SER A 287 20.11 13.81 -7.12
N ALA A 288 19.34 12.74 -6.95
CA ALA A 288 17.99 12.70 -7.52
C ALA A 288 17.05 13.62 -6.75
N TYR A 289 17.48 14.15 -5.62
CA TYR A 289 16.65 15.09 -4.88
C TYR A 289 16.66 16.48 -5.50
N GLU A 290 17.58 16.75 -6.43
CA GLU A 290 17.61 18.03 -7.11
C GLU A 290 16.51 18.15 -8.16
N PHE A 291 16.09 17.04 -8.76
CA PHE A 291 15.16 17.07 -9.88
C PHE A 291 13.70 16.99 -9.45
N TYR A 292 13.40 16.54 -8.24
CA TYR A 292 12.02 16.48 -7.80
C TYR A 292 11.45 17.89 -7.66
N HIS A 293 10.22 18.06 -8.13
CA HIS A 293 9.54 19.33 -7.92
C HIS A 293 9.40 19.58 -6.43
N ALA A 294 9.79 20.78 -6.00
CA ALA A 294 9.93 21.04 -4.57
C ALA A 294 8.66 20.70 -3.79
N LEU A 295 7.52 20.60 -4.47
CA LEU A 295 6.27 20.30 -3.78
C LEU A 295 6.12 18.82 -3.45
N ASP A 296 7.04 17.97 -3.92
CA ASP A 296 6.98 16.54 -3.66
C ASP A 296 8.18 16.03 -2.87
N SER A 297 9.05 16.93 -2.40
CA SER A 297 10.22 16.50 -1.65
C SER A 297 9.82 15.81 -0.35
N GLU A 298 8.74 16.26 0.29
CA GLU A 298 8.31 15.63 1.54
C GLU A 298 7.88 14.18 1.30
N ASN A 299 7.03 13.97 0.29
CA ASN A 299 6.59 12.62 -0.02
C ASN A 299 7.76 11.73 -0.39
N MET A 300 8.71 12.26 -1.17
CA MET A 300 9.82 11.42 -1.58
C MET A 300 10.78 11.16 -0.42
N THR A 301 10.89 12.08 0.53
CA THR A 301 11.64 11.81 1.74
C THR A 301 11.02 10.67 2.53
N LYS A 302 9.70 10.70 2.68
CA LYS A 302 9.01 9.61 3.36
C LYS A 302 9.25 8.28 2.65
N SER A 303 9.13 8.29 1.31
CA SER A 303 9.36 7.07 0.55
C SER A 303 10.78 6.56 0.72
N HIS A 304 11.76 7.46 0.73
CA HIS A 304 13.14 7.04 0.91
C HIS A 304 13.37 6.44 2.30
N GLN A 305 12.77 7.04 3.32
CA GLN A 305 12.90 6.48 4.66
C GLN A 305 12.34 5.07 4.70
N ASN A 306 11.15 4.87 4.12
CA ASN A 306 10.57 3.53 4.11
C ASN A 306 11.42 2.56 3.30
N LEU A 307 11.97 3.02 2.18
CA LEU A 307 12.82 2.15 1.37
C LEU A 307 14.04 1.69 2.13
N CYS A 308 14.67 2.60 2.89
CA CYS A 308 15.86 2.22 3.65
C CYS A 308 15.52 1.32 4.81
N THR A 309 14.43 1.60 5.54
CA THR A 309 14.13 0.83 6.74
C THR A 309 13.54 -0.55 6.43
N LYS A 310 12.71 -0.66 5.39
CA LYS A 310 11.94 -1.88 5.16
C LYS A 310 12.39 -2.69 3.96
N GLY A 311 13.03 -2.07 2.96
CA GLY A 311 13.60 -2.78 1.84
C GLY A 311 12.94 -2.51 0.51
N GLN A 312 11.64 -2.18 0.51
CA GLN A 312 10.91 -1.91 -0.72
C GLN A 312 9.85 -0.85 -0.45
N VAL A 313 9.56 -0.05 -1.48
CA VAL A 313 8.56 1.00 -1.38
C VAL A 313 8.03 1.29 -2.76
N VAL A 314 6.77 1.69 -2.84
CA VAL A 314 6.14 2.17 -4.07
C VAL A 314 5.79 3.63 -3.86
N SER A 315 6.37 4.49 -4.70
CA SER A 315 6.27 5.93 -4.50
C SER A 315 4.87 6.44 -4.83
N GLY A 316 4.57 7.64 -4.36
CA GLY A 316 3.38 8.33 -4.78
C GLY A 316 3.53 8.81 -6.21
N GLN A 317 2.77 9.85 -6.54
CA GLN A 317 2.89 10.48 -7.85
C GLN A 317 3.57 11.84 -7.72
N TYR A 318 4.74 11.94 -8.36
CA TYR A 318 5.53 13.16 -8.24
C TYR A 318 5.83 13.76 -9.59
N ARG A 319 6.73 14.73 -9.62
CA ARG A 319 7.06 15.44 -10.85
C ARG A 319 8.57 15.56 -10.99
N MET A 320 9.10 15.09 -12.12
CA MET A 320 10.53 15.14 -12.39
C MET A 320 10.79 16.13 -13.51
N LEU A 321 11.41 17.25 -13.18
CA LEU A 321 11.60 18.34 -14.14
C LEU A 321 12.33 17.84 -15.37
N ALA A 322 11.87 18.28 -16.54
CA ALA A 322 12.42 17.83 -17.81
C ALA A 322 13.56 18.73 -18.26
N LYS A 323 14.21 18.33 -19.35
CA LYS A 323 15.45 18.96 -19.77
C LYS A 323 15.22 20.40 -20.23
N HIS A 324 14.26 20.61 -21.13
CA HIS A 324 14.07 21.91 -21.78
C HIS A 324 12.92 22.70 -21.17
N GLY A 325 12.59 22.44 -19.92
CA GLY A 325 11.52 23.14 -19.25
C GLY A 325 10.30 22.25 -19.05
N GLY A 326 9.61 22.49 -17.95
CA GLY A 326 8.43 21.71 -17.64
C GLY A 326 8.77 20.40 -16.96
N TYR A 327 7.73 19.71 -16.51
CA TYR A 327 7.90 18.50 -15.73
C TYR A 327 6.93 17.44 -16.20
N VAL A 328 7.36 16.17 -16.10
CA VAL A 328 6.53 15.01 -16.37
C VAL A 328 6.15 14.41 -15.03
N TRP A 329 5.01 13.71 -15.00
CA TRP A 329 4.60 12.98 -13.81
C TRP A 329 5.26 11.60 -13.81
N LEU A 330 5.39 11.01 -12.64
CA LEU A 330 6.04 9.72 -12.52
C LEU A 330 5.50 8.95 -11.32
N GLU A 331 5.70 7.64 -11.36
CA GLU A 331 5.59 6.77 -10.20
C GLU A 331 6.80 5.85 -10.20
N THR A 332 7.30 5.50 -9.04
CA THR A 332 8.49 4.71 -8.98
C THR A 332 8.32 3.55 -8.03
N GLN A 333 9.12 2.54 -8.22
CA GLN A 333 9.06 1.32 -7.44
C GLN A 333 10.48 0.94 -7.00
N GLY A 334 10.76 1.07 -5.71
CA GLY A 334 12.12 0.95 -5.19
C GLY A 334 12.37 -0.42 -4.58
N THR A 335 13.60 -0.90 -4.71
CA THR A 335 14.00 -2.20 -4.20
C THR A 335 15.48 -2.19 -3.86
N VAL A 336 15.79 -2.45 -2.59
CA VAL A 336 17.17 -2.44 -2.13
C VAL A 336 17.83 -3.75 -2.53
N ILE A 337 19.12 -3.68 -2.89
CA ILE A 337 19.90 -4.85 -3.22
C ILE A 337 20.89 -5.10 -2.10
N TYR A 338 20.81 -6.26 -1.47
CA TYR A 338 21.66 -6.61 -0.35
C TYR A 338 22.84 -7.45 -0.79
N ASN A 339 23.98 -7.26 -0.14
CA ASN A 339 25.16 -8.06 -0.37
C ASN A 339 25.12 -9.29 0.53
N PRO A 340 25.18 -10.51 0.01
CA PRO A 340 24.98 -11.68 0.86
C PRO A 340 26.19 -12.06 1.69
N ARG A 341 27.35 -11.46 1.44
CA ARG A 341 28.52 -11.73 2.26
C ARG A 341 28.33 -11.17 3.67
N ASN A 342 27.84 -9.93 3.76
CA ASN A 342 27.68 -9.25 5.04
C ASN A 342 26.27 -8.68 5.24
N LEU A 343 25.34 -8.93 4.31
CA LEU A 343 23.95 -8.50 4.45
C LEU A 343 23.85 -6.97 4.49
N GLN A 344 24.89 -6.30 4.00
CA GLN A 344 24.91 -4.85 3.96
C GLN A 344 24.30 -4.33 2.66
N PRO A 345 23.44 -3.31 2.72
CA PRO A 345 22.85 -2.78 1.48
C PRO A 345 23.93 -2.21 0.56
N GLN A 346 23.72 -2.39 -0.75
CA GLN A 346 24.65 -1.90 -1.76
C GLN A 346 24.09 -0.75 -2.59
N CYS A 347 22.95 -0.96 -3.23
CA CYS A 347 22.44 0.01 -4.20
C CYS A 347 20.95 -0.23 -4.39
N ILE A 348 20.20 0.87 -4.47
CA ILE A 348 18.77 0.85 -4.72
C ILE A 348 18.55 0.65 -6.21
N MET A 349 17.56 -0.17 -6.55
CA MET A 349 17.12 -0.37 -7.93
C MET A 349 15.69 0.12 -8.04
N CYS A 350 15.32 0.66 -9.19
CA CYS A 350 14.03 1.30 -9.37
C CYS A 350 13.44 0.94 -10.72
N VAL A 351 12.11 1.02 -10.81
CA VAL A 351 11.37 0.96 -12.07
C VAL A 351 10.47 2.19 -12.11
N ASN A 352 10.64 3.01 -13.15
CA ASN A 352 9.96 4.29 -13.25
C ASN A 352 8.86 4.21 -14.29
N TYR A 353 7.65 4.62 -13.92
CA TYR A 353 6.52 4.69 -14.82
C TYR A 353 6.24 6.15 -15.15
N VAL A 354 6.30 6.50 -16.44
CA VAL A 354 5.92 7.84 -16.88
C VAL A 354 4.42 7.85 -17.15
N LEU A 355 3.73 8.81 -16.56
CA LEU A 355 2.27 8.85 -16.65
C LEU A 355 1.75 9.82 -17.71
N SER A 356 2.49 10.87 -18.04
CA SER A 356 2.00 11.90 -18.96
C SER A 356 3.15 12.46 -19.78
N GLU A 357 2.82 13.41 -20.64
CA GLU A 357 3.80 14.09 -21.46
C GLU A 357 4.24 15.39 -20.77
N ILE A 358 5.34 15.96 -21.24
CA ILE A 358 5.92 17.13 -20.62
C ILE A 358 4.87 18.22 -20.53
N GLU A 359 4.52 18.62 -19.31
CA GLU A 359 3.55 19.67 -19.08
C GLU A 359 4.27 20.97 -18.78
N LYS A 360 3.68 22.08 -19.23
CA LYS A 360 4.28 23.39 -19.06
C LYS A 360 5.70 23.41 -19.63
N ASN A 361 5.81 23.16 -20.93
CA ASN A 361 7.12 23.06 -21.57
C ASN A 361 7.65 24.42 -22.01
N ASP A 362 6.97 25.51 -21.68
CA ASP A 362 7.48 26.85 -21.92
C ASP A 362 8.08 27.47 -20.67
N VAL A 363 8.24 26.69 -19.61
CA VAL A 363 8.58 27.21 -18.28
C VAL A 363 10.00 26.78 -17.94
N VAL A 364 10.67 27.56 -17.11
CA VAL A 364 11.98 27.21 -16.57
C VAL A 364 11.88 27.24 -15.05
N PHE A 365 12.17 26.10 -14.41
CA PHE A 365 12.08 25.98 -12.97
C PHE A 365 13.44 26.03 -12.27
N SER A 366 14.39 25.22 -12.72
CA SER A 366 15.67 25.07 -12.03
C SER A 366 16.80 25.53 -12.91
N MET A 367 17.98 25.70 -12.29
CA MET A 367 19.15 26.18 -13.02
C MET A 367 19.57 25.20 -14.11
N ASP A 368 19.37 23.90 -13.87
CA ASP A 368 19.84 22.89 -14.82
C ASP A 368 19.08 22.92 -16.13
N GLN A 369 17.95 23.61 -16.19
CA GLN A 369 17.16 23.66 -17.42
C GLN A 369 17.62 24.75 -18.38
N THR A 370 18.34 25.76 -17.88
CA THR A 370 18.80 26.85 -18.73
C THR A 370 20.05 26.50 -19.53
N GLU B 3 13.20 -24.41 28.92
CA GLU B 3 12.03 -24.14 29.75
C GLU B 3 11.40 -25.44 30.22
N ASN B 4 10.99 -25.49 31.48
CA ASN B 4 10.48 -26.72 32.06
C ASN B 4 9.20 -27.15 31.35
N HIS B 5 8.97 -28.46 31.29
CA HIS B 5 7.82 -29.02 30.60
C HIS B 5 6.52 -28.56 31.26
N SER B 6 6.51 -28.51 32.58
CA SER B 6 5.29 -28.13 33.29
C SER B 6 4.84 -26.73 32.92
N GLU B 7 5.80 -25.80 32.77
CA GLU B 7 5.44 -24.44 32.39
C GLU B 7 4.78 -24.41 31.01
N ILE B 8 5.33 -25.16 30.05
CA ILE B 8 4.73 -25.22 28.72
C ILE B 8 3.32 -25.77 28.80
N GLU B 9 3.13 -26.84 29.57
CA GLU B 9 1.80 -27.43 29.70
C GLU B 9 0.83 -26.44 30.31
N ARG B 10 1.27 -25.69 31.32
CA ARG B 10 0.40 -24.70 31.95
C ARG B 10 0.03 -23.59 30.97
N ARG B 11 0.99 -23.17 30.14
CA ARG B 11 0.69 -22.18 29.11
C ARG B 11 -0.37 -22.70 28.15
N ARG B 12 -0.24 -23.97 27.73
CA ARG B 12 -1.25 -24.55 26.84
C ARG B 12 -2.62 -24.57 27.50
N ARG B 13 -2.67 -24.94 28.77
CA ARG B 13 -3.94 -24.98 29.48
C ARG B 13 -4.59 -23.59 29.52
N ASN B 14 -3.79 -22.56 29.84
CA ASN B 14 -4.34 -21.21 29.90
C ASN B 14 -4.86 -20.78 28.52
N LYS B 15 -4.11 -21.12 27.47
CA LYS B 15 -4.56 -20.77 26.12
C LYS B 15 -5.90 -21.43 25.81
N MET B 16 -6.04 -22.72 26.13
CA MET B 16 -7.29 -23.41 25.84
C MET B 16 -8.44 -22.83 26.64
N THR B 17 -8.20 -22.48 27.90
CA THR B 17 -9.26 -21.86 28.69
C THR B 17 -9.68 -20.52 28.11
N ALA B 18 -8.72 -19.73 27.62
CA ALA B 18 -9.08 -18.47 26.97
C ALA B 18 -9.92 -18.72 25.73
N TYR B 19 -9.54 -19.71 24.92
CA TYR B 19 -10.35 -20.04 23.74
C TYR B 19 -11.77 -20.39 24.14
N ILE B 20 -11.92 -21.22 25.18
CA ILE B 20 -13.26 -21.65 25.59
C ILE B 20 -14.08 -20.46 26.07
N THR B 21 -13.45 -19.54 26.81
CA THR B 21 -14.18 -18.36 27.27
C THR B 21 -14.64 -17.52 26.08
N GLU B 22 -13.78 -17.33 25.09
CA GLU B 22 -14.18 -16.58 23.90
C GLU B 22 -15.36 -17.24 23.22
N LEU B 23 -15.30 -18.56 23.03
CA LEU B 23 -16.40 -19.25 22.38
C LEU B 23 -17.69 -19.13 23.18
N SER B 24 -17.60 -19.27 24.51
CA SER B 24 -18.80 -19.12 25.33
C SER B 24 -19.41 -17.75 25.16
N ASP B 25 -18.57 -16.71 25.09
CA ASP B 25 -19.08 -15.37 24.83
C ASP B 25 -19.75 -15.28 23.45
N MET B 26 -19.17 -15.91 22.43
CA MET B 26 -19.67 -15.77 21.06
C MET B 26 -21.03 -16.41 20.83
N VAL B 27 -21.30 -17.57 21.41
CA VAL B 27 -22.50 -18.35 21.12
C VAL B 27 -23.68 -17.66 21.80
N PRO B 28 -24.74 -17.29 21.05
CA PRO B 28 -25.84 -16.54 21.69
C PRO B 28 -26.48 -17.25 22.87
N THR B 29 -26.67 -18.56 22.78
CA THR B 29 -27.38 -19.28 23.83
C THR B 29 -26.66 -19.19 25.17
N CYS B 30 -25.32 -19.33 25.15
CA CYS B 30 -24.56 -19.31 26.39
C CYS B 30 -24.69 -17.96 27.10
N SER B 31 -24.68 -16.87 26.33
CA SER B 31 -24.79 -15.54 26.92
C SER B 31 -26.10 -15.34 27.66
N LYS B 36 -22.39 -19.53 34.24
CA LYS B 36 -21.64 -19.88 33.05
C LYS B 36 -21.45 -21.40 33.01
N PRO B 37 -21.87 -22.08 31.94
CA PRO B 37 -21.83 -23.54 31.95
C PRO B 37 -20.41 -24.07 31.86
N ASP B 38 -20.26 -25.35 32.20
CA ASP B 38 -18.97 -26.00 32.12
C ASP B 38 -18.50 -26.11 30.68
N LYS B 39 -17.30 -26.67 30.51
CA LYS B 39 -16.70 -26.78 29.18
C LYS B 39 -17.56 -27.64 28.26
N LEU B 40 -18.04 -28.78 28.76
CA LEU B 40 -18.78 -29.71 27.92
C LEU B 40 -20.06 -29.09 27.38
N THR B 41 -20.80 -28.39 28.26
CA THR B 41 -22.04 -27.76 27.81
C THR B 41 -21.76 -26.66 26.79
N ILE B 42 -20.68 -25.91 26.98
CA ILE B 42 -20.34 -24.87 26.01
C ILE B 42 -20.04 -25.49 24.65
N LEU B 43 -19.26 -26.57 24.64
CA LEU B 43 -18.95 -27.22 23.38
C LEU B 43 -20.21 -27.76 22.71
N ARG B 44 -21.10 -28.38 23.49
CA ARG B 44 -22.34 -28.90 22.91
C ARG B 44 -23.21 -27.78 22.35
N MET B 45 -23.33 -26.68 23.09
CA MET B 45 -24.15 -25.57 22.61
C MET B 45 -23.57 -24.98 21.33
N ALA B 46 -22.25 -24.84 21.27
CA ALA B 46 -21.64 -24.34 20.04
C ALA B 46 -21.88 -25.30 18.88
N VAL B 47 -21.77 -26.60 19.13
CA VAL B 47 -22.00 -27.59 18.07
C VAL B 47 -23.42 -27.46 17.54
N SER B 48 -24.40 -27.34 18.44
CA SER B 48 -25.78 -27.23 18.00
C SER B 48 -26.02 -25.91 17.27
N HIS B 49 -25.45 -24.82 17.78
CA HIS B 49 -25.65 -23.51 17.16
C HIS B 49 -25.10 -23.47 15.74
N MET B 50 -23.91 -24.05 15.54
CA MET B 50 -23.30 -24.00 14.23
C MET B 50 -24.06 -24.81 13.20
N LYS B 51 -25.11 -25.54 13.58
CA LYS B 51 -25.97 -26.22 12.64
C LYS B 51 -27.14 -25.37 12.17
N SER B 52 -27.46 -24.29 12.89
CA SER B 52 -28.44 -23.33 12.42
C SER B 52 -27.86 -22.35 11.41
N LEU B 53 -26.57 -22.44 11.13
CA LEU B 53 -25.91 -21.65 10.10
C LEU B 53 -25.36 -22.61 9.04
N ARG B 54 -24.55 -22.10 8.12
CA ARG B 54 -24.08 -22.89 6.98
C ARG B 54 -25.24 -23.21 6.03
N PRO B 67 -16.70 -26.32 -0.34
CA PRO B 67 -16.89 -25.64 0.95
C PRO B 67 -15.85 -24.54 1.16
N SER B 68 -16.32 -23.34 1.46
CA SER B 68 -15.45 -22.20 1.69
C SER B 68 -15.98 -21.40 2.88
N PHE B 69 -15.08 -20.66 3.54
CA PHE B 69 -15.49 -19.89 4.70
C PHE B 69 -16.53 -18.85 4.32
N LEU B 70 -16.35 -18.19 3.17
CA LEU B 70 -17.29 -17.18 2.69
C LEU B 70 -17.73 -17.51 1.27
N THR B 71 -18.98 -17.21 0.97
CA THR B 71 -19.52 -17.43 -0.35
C THR B 71 -18.93 -16.40 -1.32
N ASP B 72 -19.35 -16.50 -2.59
CA ASP B 72 -18.81 -15.61 -3.61
C ASP B 72 -19.36 -14.21 -3.49
N GLN B 73 -20.65 -14.06 -3.21
CA GLN B 73 -21.25 -12.74 -3.07
C GLN B 73 -20.63 -11.99 -1.90
N GLU B 74 -20.41 -12.69 -0.78
CA GLU B 74 -19.80 -12.05 0.38
C GLU B 74 -18.36 -11.63 0.08
N LEU B 75 -17.62 -12.46 -0.67
CA LEU B 75 -16.27 -12.10 -1.04
C LEU B 75 -16.27 -10.86 -1.93
N LYS B 76 -17.22 -10.77 -2.87
CA LYS B 76 -17.33 -9.57 -3.69
C LYS B 76 -17.63 -8.35 -2.83
N HIS B 77 -18.53 -8.50 -1.85
CA HIS B 77 -18.82 -7.40 -0.94
C HIS B 77 -17.56 -6.93 -0.23
N LEU B 78 -16.75 -7.87 0.27
CA LEU B 78 -15.52 -7.48 0.95
C LEU B 78 -14.54 -6.80 0.00
N ILE B 79 -14.40 -7.31 -1.22
CA ILE B 79 -13.44 -6.73 -2.14
C ILE B 79 -13.84 -5.31 -2.50
N LEU B 80 -15.14 -5.05 -2.67
CA LEU B 80 -15.57 -3.70 -2.97
C LEU B 80 -15.42 -2.78 -1.77
N GLU B 81 -15.52 -3.33 -0.56
CA GLU B 81 -15.30 -2.51 0.63
C GLU B 81 -13.83 -2.19 0.83
N ALA B 82 -12.95 -3.04 0.29
CA ALA B 82 -11.52 -2.84 0.49
C ALA B 82 -10.87 -2.02 -0.62
N ALA B 83 -11.33 -2.18 -1.87
CA ALA B 83 -10.63 -1.62 -3.02
C ALA B 83 -11.31 -0.39 -3.62
N ASP B 84 -12.60 -0.19 -3.39
CA ASP B 84 -13.30 0.94 -4.01
C ASP B 84 -13.08 0.97 -5.51
N GLY B 85 -13.53 -0.07 -6.21
CA GLY B 85 -13.33 -0.18 -7.63
C GLY B 85 -14.48 -0.82 -8.36
N PHE B 86 -14.22 -1.28 -9.59
CA PHE B 86 -15.25 -1.90 -10.42
C PHE B 86 -14.59 -2.92 -11.34
N LEU B 87 -15.38 -3.84 -11.84
CA LEU B 87 -14.92 -4.87 -12.77
C LEU B 87 -15.35 -4.52 -14.18
N PHE B 88 -14.51 -4.84 -15.16
CA PHE B 88 -14.86 -4.62 -16.55
C PHE B 88 -14.11 -5.64 -17.40
N ILE B 89 -14.76 -6.07 -18.48
CA ILE B 89 -14.18 -7.02 -19.42
C ILE B 89 -14.17 -6.37 -20.79
N VAL B 90 -13.01 -6.39 -21.44
CA VAL B 90 -12.85 -5.76 -22.74
C VAL B 90 -12.12 -6.70 -23.68
N SER B 91 -12.69 -6.90 -24.86
CA SER B 91 -12.11 -7.82 -25.83
C SER B 91 -10.76 -7.30 -26.32
N CYS B 92 -9.89 -8.22 -26.71
CA CYS B 92 -8.55 -7.85 -27.14
C CYS B 92 -8.54 -7.16 -28.49
N GLU B 93 -9.24 -7.74 -29.46
CA GLU B 93 -9.17 -7.22 -30.82
C GLU B 93 -9.61 -5.78 -30.98
N THR B 94 -10.80 -5.44 -30.48
CA THR B 94 -11.35 -4.10 -30.67
C THR B 94 -11.49 -3.26 -29.41
N GLY B 95 -11.06 -3.78 -28.27
CA GLY B 95 -11.24 -3.02 -27.05
C GLY B 95 -12.69 -2.72 -26.73
N ARG B 96 -13.61 -3.55 -27.18
CA ARG B 96 -15.04 -3.32 -26.95
C ARG B 96 -15.44 -3.86 -25.59
N VAL B 97 -16.05 -3.01 -24.77
CA VAL B 97 -16.51 -3.43 -23.45
C VAL B 97 -17.56 -4.51 -23.64
N VAL B 98 -17.36 -5.65 -22.98
CA VAL B 98 -18.31 -6.75 -23.06
C VAL B 98 -19.13 -6.86 -21.78
N TYR B 99 -18.70 -6.19 -20.72
CA TYR B 99 -19.42 -6.22 -19.45
C TYR B 99 -18.76 -5.22 -18.51
N VAL B 100 -19.58 -4.62 -17.64
CA VAL B 100 -19.08 -3.67 -16.65
C VAL B 100 -19.99 -3.74 -15.43
N SER B 101 -19.39 -3.97 -14.27
CA SER B 101 -20.16 -4.06 -13.05
C SER B 101 -20.91 -2.76 -12.80
N ASP B 102 -21.87 -2.81 -11.88
CA ASP B 102 -22.70 -1.66 -11.55
C ASP B 102 -21.99 -0.68 -10.63
N SER B 103 -20.78 -1.00 -10.18
CA SER B 103 -20.01 -0.10 -9.34
C SER B 103 -19.21 0.92 -10.15
N VAL B 104 -19.27 0.84 -11.48
CA VAL B 104 -18.60 1.86 -12.29
C VAL B 104 -19.26 3.22 -12.07
N THR B 105 -20.56 3.24 -11.80
CA THR B 105 -21.29 4.48 -11.58
C THR B 105 -20.75 5.24 -10.37
N PRO B 106 -20.66 4.62 -9.19
CA PRO B 106 -20.13 5.35 -8.03
C PRO B 106 -18.69 5.82 -8.22
N VAL B 107 -17.89 5.05 -8.95
CA VAL B 107 -16.48 5.38 -9.11
C VAL B 107 -16.32 6.54 -10.09
N LEU B 108 -16.74 6.34 -11.34
CA LEU B 108 -16.52 7.32 -12.40
C LEU B 108 -17.78 8.11 -12.77
N ASN B 109 -18.80 8.07 -11.93
CA ASN B 109 -20.02 8.84 -12.18
C ASN B 109 -20.52 8.64 -13.60
N GLN B 110 -20.31 7.45 -14.16
CA GLN B 110 -20.73 7.16 -15.52
C GLN B 110 -21.66 5.94 -15.54
N PRO B 111 -22.90 6.12 -16.06
CA PRO B 111 -23.83 4.99 -16.06
C PRO B 111 -23.35 3.85 -16.92
N GLN B 112 -23.82 2.64 -16.60
CA GLN B 112 -23.40 1.46 -17.34
C GLN B 112 -23.69 1.58 -18.83
N SER B 113 -24.74 2.31 -19.19
CA SER B 113 -25.09 2.44 -20.60
C SER B 113 -24.02 3.16 -21.39
N GLU B 114 -23.22 4.00 -20.74
CA GLU B 114 -22.15 4.70 -21.44
C GLU B 114 -20.93 3.83 -21.68
N TRP B 115 -20.83 2.69 -20.99
CA TRP B 115 -19.70 1.78 -21.16
C TRP B 115 -20.05 0.60 -22.07
N PHE B 116 -21.25 0.06 -21.95
CA PHE B 116 -21.70 -0.98 -22.87
C PHE B 116 -21.66 -0.48 -24.30
N GLY B 117 -21.18 -1.33 -25.20
CA GLY B 117 -21.14 -1.01 -26.62
C GLY B 117 -19.98 -0.15 -27.04
N SER B 118 -19.47 0.73 -26.16
CA SER B 118 -18.35 1.57 -26.48
C SER B 118 -17.08 0.73 -26.50
N THR B 119 -15.93 1.42 -26.62
CA THR B 119 -14.66 0.72 -26.55
C THR B 119 -13.91 1.31 -25.38
N LEU B 120 -12.91 0.59 -24.89
CA LEU B 120 -12.13 1.07 -23.76
C LEU B 120 -11.40 2.36 -24.10
N TYR B 121 -10.90 2.48 -25.33
CA TYR B 121 -10.10 3.64 -25.69
C TYR B 121 -10.89 4.94 -25.58
N ASP B 122 -12.17 4.93 -25.94
CA ASP B 122 -12.97 6.13 -25.81
C ASP B 122 -13.06 6.63 -24.38
N GLN B 123 -12.81 5.77 -23.39
CA GLN B 123 -12.97 6.12 -21.99
C GLN B 123 -11.69 6.58 -21.32
N VAL B 124 -10.57 6.63 -22.04
CA VAL B 124 -9.29 6.97 -21.44
C VAL B 124 -8.76 8.25 -22.08
N HIS B 125 -7.82 8.87 -21.38
CA HIS B 125 -7.25 10.14 -21.85
C HIS B 125 -6.53 9.92 -23.18
N PRO B 126 -6.58 10.88 -24.10
CA PRO B 126 -6.01 10.64 -25.44
C PRO B 126 -4.54 10.26 -25.42
N ASP B 127 -3.79 10.63 -24.38
CA ASP B 127 -2.37 10.33 -24.34
C ASP B 127 -2.09 8.90 -23.89
N ASP B 128 -3.07 8.22 -23.31
CA ASP B 128 -2.90 6.86 -22.82
C ASP B 128 -3.29 5.80 -23.85
N VAL B 129 -3.77 6.21 -25.02
CA VAL B 129 -4.32 5.24 -25.97
C VAL B 129 -3.23 4.29 -26.45
N ASP B 130 -2.03 4.81 -26.73
CA ASP B 130 -0.96 3.94 -27.20
C ASP B 130 -0.57 2.92 -26.14
N LYS B 131 -0.49 3.36 -24.89
CA LYS B 131 -0.13 2.46 -23.82
C LYS B 131 -1.15 1.34 -23.72
N LEU B 132 -2.42 1.70 -23.70
CA LEU B 132 -3.46 0.68 -23.57
C LEU B 132 -3.47 -0.26 -24.76
N ARG B 133 -3.28 0.26 -25.97
CA ARG B 133 -3.23 -0.63 -27.13
C ARG B 133 -2.06 -1.58 -27.05
N GLU B 134 -0.94 -1.15 -26.46
CA GLU B 134 0.19 -2.06 -26.27
C GLU B 134 -0.09 -3.07 -25.15
N GLN B 135 -0.85 -2.67 -24.13
CA GLN B 135 -1.14 -3.58 -23.03
C GLN B 135 -2.16 -4.65 -23.42
N LEU B 136 -3.19 -4.31 -24.20
CA LEU B 136 -4.18 -5.28 -24.59
C LEU B 136 -3.72 -6.20 -25.71
N SER B 137 -2.61 -5.87 -26.37
CA SER B 137 -2.13 -6.69 -27.47
C SER B 137 -1.75 -8.08 -26.96
N THR B 138 -1.99 -9.10 -27.79
CA THR B 138 -1.65 -10.47 -27.47
C THR B 138 -0.49 -11.01 -28.31
N SER B 170 -0.08 -14.28 -18.37
CA SER B 170 -1.49 -13.99 -18.59
C SER B 170 -1.98 -12.82 -17.76
N ARG B 171 -1.19 -12.34 -16.81
CA ARG B 171 -1.55 -11.18 -16.02
C ARG B 171 -1.29 -9.90 -16.80
N ARG B 172 -1.93 -8.82 -16.36
CA ARG B 172 -1.71 -7.50 -16.91
C ARG B 172 -1.85 -6.48 -15.78
N SER B 173 -1.04 -5.43 -15.83
CA SER B 173 -1.10 -4.39 -14.82
C SER B 173 -0.51 -3.11 -15.39
N PHE B 174 -1.28 -2.03 -15.34
CA PHE B 174 -0.84 -0.75 -15.86
C PHE B 174 -1.60 0.36 -15.13
N ILE B 175 -1.22 1.60 -15.43
CA ILE B 175 -1.87 2.77 -14.87
C ILE B 175 -2.35 3.64 -16.02
N CYS B 176 -3.63 4.02 -15.99
CA CYS B 176 -4.20 4.85 -17.04
C CYS B 176 -5.24 5.77 -16.42
N ARG B 177 -5.45 6.91 -17.07
CA ARG B 177 -6.45 7.88 -16.68
C ARG B 177 -7.75 7.56 -17.42
N MET B 178 -8.88 7.74 -16.77
CA MET B 178 -10.18 7.53 -17.40
C MET B 178 -11.12 8.69 -17.09
N ARG B 179 -12.03 8.93 -18.03
CA ARG B 179 -12.87 10.12 -17.99
C ARG B 179 -13.92 10.01 -16.90
N CYS B 180 -14.25 11.14 -16.30
CA CYS B 180 -15.34 11.22 -15.33
C CYS B 180 -16.57 11.84 -15.99
N GLY B 181 -17.74 11.35 -15.61
CA GLY B 181 -18.98 11.83 -16.18
C GLY B 181 -19.64 12.89 -15.31
N SER B 182 -20.92 13.13 -15.60
CA SER B 182 -21.70 14.13 -14.89
C SER B 182 -22.96 13.55 -14.25
N PRO B 212 -12.76 17.87 -19.82
CA PRO B 212 -13.04 16.57 -19.19
C PRO B 212 -12.13 16.33 -17.99
N HIS B 213 -12.76 16.00 -16.86
CA HIS B 213 -12.02 15.69 -15.64
C HIS B 213 -11.54 14.25 -15.71
N PHE B 214 -10.28 14.03 -15.32
CA PHE B 214 -9.67 12.71 -15.36
C PHE B 214 -9.19 12.31 -13.98
N VAL B 215 -9.11 11.00 -13.74
CA VAL B 215 -8.60 10.43 -12.50
C VAL B 215 -7.69 9.27 -12.84
N VAL B 216 -6.72 9.02 -11.95
CA VAL B 216 -5.75 7.95 -12.17
C VAL B 216 -6.29 6.66 -11.56
N VAL B 217 -6.32 5.60 -12.34
CA VAL B 217 -6.84 4.31 -11.92
C VAL B 217 -5.80 3.23 -12.21
N HIS B 218 -5.56 2.37 -11.24
CA HIS B 218 -4.61 1.27 -11.38
C HIS B 218 -5.39 0.00 -11.70
N CYS B 219 -5.06 -0.63 -12.82
CA CYS B 219 -5.79 -1.79 -13.31
C CYS B 219 -5.00 -3.07 -13.04
N THR B 220 -5.70 -4.08 -12.55
CA THR B 220 -5.12 -5.41 -12.33
C THR B 220 -6.08 -6.45 -12.92
N GLY B 221 -5.52 -7.40 -13.64
CA GLY B 221 -6.35 -8.39 -14.30
C GLY B 221 -5.51 -9.41 -15.03
N TYR B 222 -6.17 -10.20 -15.86
CA TYR B 222 -5.50 -11.26 -16.60
C TYR B 222 -6.18 -11.50 -17.94
N ILE B 223 -5.46 -12.15 -18.84
CA ILE B 223 -5.94 -12.44 -20.18
C ILE B 223 -6.34 -13.92 -20.23
N LYS B 224 -7.56 -14.19 -20.67
CA LYS B 224 -8.09 -15.54 -20.69
C LYS B 224 -8.92 -15.74 -21.95
N ALA B 225 -9.30 -17.00 -22.18
CA ALA B 225 -10.25 -17.30 -23.24
C ALA B 225 -11.66 -16.95 -22.78
N TRP B 226 -12.53 -16.64 -23.73
CA TRP B 226 -13.88 -16.20 -23.43
C TRP B 226 -14.69 -16.29 -24.70
N PRO B 227 -15.96 -16.73 -24.66
CA PRO B 227 -16.77 -17.01 -23.47
C PRO B 227 -16.35 -18.29 -22.75
N PRO B 228 -16.61 -18.39 -21.45
CA PRO B 228 -16.17 -19.57 -20.71
C PRO B 228 -16.87 -20.83 -21.22
N SER B 244 -9.72 -13.70 -32.62
CA SER B 244 -9.17 -14.41 -31.46
C SER B 244 -10.03 -14.18 -30.23
N LYS B 245 -10.42 -15.25 -29.56
CA LYS B 245 -11.35 -15.17 -28.44
C LYS B 245 -10.59 -15.03 -27.12
N PHE B 246 -10.11 -13.80 -26.88
CA PHE B 246 -9.46 -13.44 -25.62
C PHE B 246 -10.10 -12.15 -25.11
N CYS B 247 -10.22 -12.04 -23.79
CA CYS B 247 -10.75 -10.84 -23.16
C CYS B 247 -10.08 -10.61 -21.82
N LEU B 248 -9.79 -9.35 -21.54
CA LEU B 248 -9.06 -8.95 -20.35
C LEU B 248 -10.04 -8.69 -19.22
N VAL B 249 -9.97 -9.50 -18.16
CA VAL B 249 -10.79 -9.33 -16.97
C VAL B 249 -9.96 -8.55 -15.96
N ALA B 250 -10.34 -7.32 -15.69
CA ALA B 250 -9.55 -6.44 -14.83
C ALA B 250 -10.46 -5.74 -13.84
N ILE B 251 -9.88 -5.34 -12.72
CA ILE B 251 -10.58 -4.61 -11.68
C ILE B 251 -9.83 -3.31 -11.45
N GLY B 252 -10.51 -2.19 -11.68
CA GLY B 252 -9.90 -0.88 -11.59
C GLY B 252 -9.97 -0.34 -10.18
N ARG B 253 -8.80 -0.08 -9.61
CA ARG B 253 -8.68 0.46 -8.26
C ARG B 253 -8.45 1.96 -8.35
N LEU B 254 -9.21 2.74 -7.59
CA LEU B 254 -9.07 4.18 -7.64
C LEU B 254 -7.89 4.62 -6.79
N GLN B 255 -6.77 4.92 -7.45
CA GLN B 255 -5.55 5.37 -6.80
C GLN B 255 -5.84 6.68 -6.09
N VAL B 256 -5.36 6.82 -4.86
CA VAL B 256 -5.56 8.03 -4.08
C VAL B 256 -4.28 8.86 -4.11
N PRO B 271 -2.49 33.42 -4.94
CA PRO B 271 -1.49 32.74 -4.11
C PRO B 271 -0.47 33.72 -3.55
N THR B 272 -0.36 33.77 -2.23
CA THR B 272 0.54 34.71 -1.56
C THR B 272 1.88 34.11 -1.22
N GLU B 273 2.15 32.87 -1.63
CA GLU B 273 3.36 32.17 -1.25
C GLU B 273 3.89 31.37 -2.43
N PHE B 274 5.21 31.19 -2.46
CA PHE B 274 5.86 30.35 -3.46
C PHE B 274 7.07 29.68 -2.85
N ILE B 275 7.33 28.46 -3.32
CA ILE B 275 8.38 27.60 -2.76
C ILE B 275 9.63 27.73 -3.60
N SER B 276 10.76 27.92 -2.94
CA SER B 276 12.05 28.02 -3.63
C SER B 276 13.11 27.32 -2.80
N ARG B 277 14.18 26.91 -3.48
CA ARG B 277 15.29 26.28 -2.80
C ARG B 277 16.50 27.17 -2.82
N HIS B 278 17.48 26.85 -2.00
CA HIS B 278 18.73 27.61 -1.95
C HIS B 278 19.86 26.67 -1.57
N ASN B 279 21.07 27.02 -1.98
CA ASN B 279 22.25 26.42 -1.42
C ASN B 279 22.60 27.13 -0.12
N ILE B 280 23.73 26.76 0.49
CA ILE B 280 24.07 27.26 1.82
C ILE B 280 24.63 28.67 1.72
N GLU B 281 24.72 29.21 0.50
CA GLU B 281 25.14 30.59 0.29
C GLU B 281 24.01 31.52 -0.09
N GLY B 282 22.88 31.00 -0.58
CA GLY B 282 21.72 31.83 -0.84
C GLY B 282 21.39 32.03 -2.31
N ILE B 283 21.99 31.23 -3.18
CA ILE B 283 21.73 31.32 -4.61
C ILE B 283 20.47 30.50 -4.93
N PHE B 284 19.50 31.13 -5.58
CA PHE B 284 18.30 30.41 -5.99
C PHE B 284 18.69 29.23 -6.89
N THR B 285 18.12 28.07 -6.61
CA THR B 285 18.29 26.90 -7.44
C THR B 285 16.98 26.33 -7.96
N PHE B 286 15.85 26.84 -7.47
CA PHE B 286 14.54 26.40 -7.90
C PHE B 286 13.53 27.44 -7.43
N VAL B 287 12.73 27.96 -8.36
CA VAL B 287 11.72 28.95 -8.04
C VAL B 287 10.41 28.53 -8.68
N ASP B 288 9.38 28.38 -7.85
CA ASP B 288 8.06 27.99 -8.34
C ASP B 288 7.49 29.07 -9.24
N HIS B 289 6.62 28.69 -10.16
CA HIS B 289 6.07 29.66 -11.09
C HIS B 289 5.16 30.69 -10.43
N ARG B 290 4.76 30.48 -9.17
CA ARG B 290 3.95 31.48 -8.50
C ARG B 290 4.72 32.77 -8.23
N CYS B 291 6.04 32.76 -8.42
CA CYS B 291 6.82 33.99 -8.26
C CYS B 291 6.38 35.05 -9.25
N VAL B 292 5.88 34.64 -10.42
CA VAL B 292 5.49 35.61 -11.45
C VAL B 292 4.36 36.51 -10.94
N ALA B 293 3.44 35.93 -10.18
CA ALA B 293 2.33 36.71 -9.64
C ALA B 293 2.70 37.32 -8.28
N THR B 294 3.37 36.55 -7.43
CA THR B 294 3.69 37.01 -6.08
C THR B 294 4.57 38.24 -6.02
N VAL B 295 5.67 38.24 -6.77
CA VAL B 295 6.63 39.33 -6.72
C VAL B 295 6.81 39.99 -8.08
N GLY B 296 6.40 39.31 -9.17
CA GLY B 296 6.44 39.90 -10.49
C GLY B 296 7.59 39.47 -11.37
N TYR B 297 8.67 38.94 -10.79
CA TYR B 297 9.80 38.48 -11.60
C TYR B 297 9.48 37.15 -12.24
N GLN B 298 10.01 36.93 -13.44
CA GLN B 298 9.94 35.61 -14.05
C GLN B 298 10.89 34.66 -13.32
N PRO B 299 10.59 33.36 -13.32
CA PRO B 299 11.48 32.42 -12.63
C PRO B 299 12.93 32.50 -13.11
N GLN B 300 13.14 32.85 -14.38
CA GLN B 300 14.50 32.94 -14.89
C GLN B 300 15.23 34.15 -14.32
N GLU B 301 14.49 35.22 -14.01
CA GLU B 301 15.07 36.45 -13.47
C GLU B 301 15.76 36.28 -12.13
N LEU B 302 15.36 35.27 -11.37
CA LEU B 302 15.87 35.08 -10.01
C LEU B 302 16.92 33.99 -9.90
N LEU B 303 16.89 32.99 -10.78
CA LEU B 303 17.85 31.89 -10.69
C LEU B 303 19.28 32.43 -10.80
N GLY B 304 20.15 31.90 -9.94
CA GLY B 304 21.56 32.24 -9.98
C GLY B 304 21.95 33.51 -9.26
N LYS B 305 21.00 34.25 -8.69
CA LYS B 305 21.29 35.48 -7.98
C LYS B 305 21.00 35.32 -6.49
N ASN B 306 21.94 35.79 -5.68
CA ASN B 306 21.82 35.71 -4.23
C ASN B 306 20.54 36.40 -3.79
N ILE B 307 19.84 35.79 -2.83
CA ILE B 307 18.59 36.37 -2.34
C ILE B 307 18.84 37.73 -1.70
N VAL B 308 20.05 37.94 -1.15
CA VAL B 308 20.35 39.21 -0.50
C VAL B 308 20.30 40.37 -1.48
N GLU B 309 20.75 40.16 -2.73
CA GLU B 309 20.80 41.25 -3.68
C GLU B 309 19.44 41.92 -3.87
N PHE B 310 18.35 41.19 -3.64
CA PHE B 310 17.01 41.74 -3.77
C PHE B 310 16.49 42.35 -2.47
N CYS B 311 17.27 42.33 -1.40
CA CYS B 311 16.84 42.78 -0.09
C CYS B 311 17.22 44.23 0.14
N HIS B 312 16.39 44.95 0.89
CA HIS B 312 16.65 46.35 1.15
C HIS B 312 17.95 46.44 1.93
N PRO B 313 18.78 47.46 1.71
CA PRO B 313 20.13 47.42 2.30
C PRO B 313 20.15 47.28 3.82
N GLU B 314 19.21 47.93 4.51
CA GLU B 314 19.30 47.99 5.97
C GLU B 314 19.01 46.64 6.59
N ASP B 315 18.17 45.83 5.96
CA ASP B 315 17.79 44.52 6.46
C ASP B 315 18.59 43.38 5.86
N GLN B 316 19.67 43.69 5.12
CA GLN B 316 20.50 42.63 4.58
C GLN B 316 21.13 41.80 5.69
N GLN B 317 21.61 42.47 6.74
CA GLN B 317 22.32 41.76 7.79
C GLN B 317 21.41 40.75 8.47
N LEU B 318 20.15 41.10 8.70
CA LEU B 318 19.22 40.16 9.32
C LEU B 318 19.05 38.92 8.44
N LEU B 319 18.92 39.10 7.13
CA LEU B 319 18.77 37.96 6.23
C LEU B 319 20.01 37.08 6.25
N ARG B 320 21.20 37.69 6.24
CA ARG B 320 22.42 36.89 6.30
C ARG B 320 22.51 36.13 7.61
N ASP B 321 22.13 36.78 8.72
CA ASP B 321 22.15 36.10 10.01
C ASP B 321 21.18 34.93 10.02
N SER B 322 20.00 35.11 9.43
CA SER B 322 19.04 34.01 9.35
C SER B 322 19.58 32.85 8.53
N PHE B 323 20.23 33.16 7.40
CA PHE B 323 20.78 32.10 6.56
C PHE B 323 21.93 31.38 7.27
N GLN B 324 22.67 32.08 8.12
CA GLN B 324 23.72 31.42 8.89
C GLN B 324 23.13 30.60 10.04
N GLN B 325 22.02 31.06 10.62
CA GLN B 325 21.44 30.38 11.76
C GLN B 325 20.70 29.10 11.35
N VAL B 326 19.98 29.15 10.23
CA VAL B 326 19.18 28.01 9.82
C VAL B 326 20.05 26.82 9.43
N VAL B 327 21.26 27.07 8.92
CA VAL B 327 22.15 25.96 8.57
C VAL B 327 22.68 25.29 9.83
N LYS B 328 22.66 26.00 10.96
CA LYS B 328 23.16 25.46 12.21
C LYS B 328 22.05 24.78 13.02
N LEU B 329 20.85 25.33 12.99
CA LEU B 329 19.73 24.74 13.70
C LEU B 329 19.51 23.31 13.20
N LYS B 330 19.78 23.09 11.91
CA LYS B 330 19.82 21.75 11.36
C LYS B 330 18.51 21.00 11.56
N GLY B 331 17.43 21.49 10.98
CA GLY B 331 16.14 20.82 10.98
C GLY B 331 14.99 21.71 11.37
N GLN B 332 15.21 22.65 12.28
CA GLN B 332 14.14 23.52 12.76
C GLN B 332 13.82 24.60 11.74
N VAL B 333 12.62 25.16 11.87
CA VAL B 333 12.19 26.25 11.01
C VAL B 333 12.79 27.55 11.54
N LEU B 334 12.74 28.59 10.71
CA LEU B 334 13.24 29.91 11.11
C LEU B 334 12.55 30.95 10.24
N SER B 335 11.66 31.72 10.84
CA SER B 335 10.89 32.74 10.11
C SER B 335 11.59 34.09 10.23
N VAL B 336 11.53 34.88 9.17
CA VAL B 336 12.15 36.20 9.13
C VAL B 336 11.36 37.09 8.19
N MET B 337 11.22 38.36 8.56
CA MET B 337 10.51 39.36 7.77
C MET B 337 11.49 40.41 7.29
N PHE B 338 11.45 40.72 6.00
CA PHE B 338 12.33 41.71 5.41
C PHE B 338 11.67 42.29 4.17
N ARG B 339 12.16 43.45 3.75
CA ARG B 339 11.64 44.14 2.57
C ARG B 339 12.31 43.59 1.33
N PHE B 340 11.52 43.36 0.27
CA PHE B 340 12.00 42.77 -0.96
C PHE B 340 11.72 43.71 -2.12
N ARG B 341 12.67 43.79 -3.05
CA ARG B 341 12.54 44.67 -4.21
C ARG B 341 11.81 43.93 -5.32
N SER B 342 10.61 44.38 -5.65
CA SER B 342 9.82 43.74 -6.70
C SER B 342 10.26 44.24 -8.07
N LYS B 343 9.75 43.58 -9.11
CA LYS B 343 10.08 43.97 -10.47
C LYS B 343 9.71 45.41 -10.74
N ASN B 344 8.65 45.90 -10.11
CA ASN B 344 8.21 47.28 -10.28
C ASN B 344 8.94 48.25 -9.35
N GLN B 345 10.09 47.85 -8.80
CA GLN B 345 10.90 48.69 -7.94
C GLN B 345 10.18 49.09 -6.65
N GLU B 346 9.15 48.34 -6.27
CA GLU B 346 8.40 48.62 -5.05
C GLU B 346 8.84 47.67 -3.94
N TRP B 347 9.05 48.22 -2.75
CA TRP B 347 9.49 47.44 -1.61
C TRP B 347 8.29 46.69 -1.02
N LEU B 348 8.40 45.38 -0.94
CA LEU B 348 7.33 44.52 -0.45
C LEU B 348 7.79 43.80 0.82
N TRP B 349 6.92 43.75 1.82
CA TRP B 349 7.20 42.98 3.03
C TRP B 349 6.91 41.51 2.76
N MET B 350 7.88 40.65 3.02
CA MET B 350 7.76 39.22 2.77
C MET B 350 8.27 38.44 3.97
N ARG B 351 7.69 37.27 4.19
CA ARG B 351 8.07 36.40 5.30
C ARG B 351 8.59 35.08 4.72
N THR B 352 9.75 34.65 5.17
CA THR B 352 10.40 33.45 4.65
C THR B 352 10.60 32.45 5.80
N SER B 353 9.98 31.28 5.68
CA SER B 353 10.16 30.19 6.62
C SER B 353 11.08 29.15 5.98
N SER B 354 12.22 28.89 6.62
CA SER B 354 13.26 28.07 6.03
C SER B 354 13.71 26.99 7.00
N PHE B 355 14.17 25.88 6.45
CA PHE B 355 14.77 24.82 7.24
C PHE B 355 15.53 23.89 6.31
N THR B 356 16.76 23.57 6.69
CA THR B 356 17.64 22.75 5.87
C THR B 356 16.93 21.44 5.53
N PHE B 357 17.39 20.80 4.46
CA PHE B 357 16.92 19.46 4.11
C PHE B 357 18.10 18.50 4.22
N GLN B 358 17.94 17.46 5.04
CA GLN B 358 19.02 16.51 5.30
C GLN B 358 18.68 15.16 4.70
N ASN B 359 19.62 14.64 3.91
CA ASN B 359 19.38 13.38 3.22
C ASN B 359 19.02 12.30 4.23
N PRO B 360 17.99 11.49 3.98
CA PRO B 360 17.55 10.53 5.01
C PRO B 360 18.60 9.51 5.39
N TYR B 361 19.62 9.28 4.57
CA TYR B 361 20.59 8.22 4.83
C TYR B 361 21.93 8.77 5.32
N SER B 362 22.42 9.85 4.72
CA SER B 362 23.73 10.39 5.08
C SER B 362 23.64 11.60 6.01
N ASP B 363 22.47 12.20 6.15
CA ASP B 363 22.22 13.34 7.02
C ASP B 363 22.97 14.61 6.61
N GLU B 364 23.63 14.60 5.46
CA GLU B 364 24.26 15.80 4.95
C GLU B 364 23.20 16.78 4.47
N ILE B 365 23.60 18.03 4.26
CA ILE B 365 22.66 19.05 3.79
C ILE B 365 22.61 18.99 2.27
N GLU B 366 21.40 18.86 1.73
CA GLU B 366 21.18 18.92 0.28
C GLU B 366 20.91 20.34 -0.18
N TYR B 367 19.98 21.03 0.46
CA TYR B 367 19.58 22.37 0.05
C TYR B 367 18.63 22.92 1.09
N ILE B 368 18.59 24.24 1.19
CA ILE B 368 17.69 24.94 2.08
C ILE B 368 16.45 25.33 1.29
N ILE B 369 15.27 24.95 1.78
CA ILE B 369 14.01 25.28 1.13
C ILE B 369 13.30 26.36 1.93
N CYS B 370 12.83 27.40 1.25
CA CYS B 370 12.19 28.54 1.87
C CYS B 370 10.81 28.74 1.27
N THR B 371 9.82 28.99 2.11
CA THR B 371 8.46 29.27 1.68
C THR B 371 8.19 30.76 1.90
N ASN B 372 8.47 31.57 0.90
CA ASN B 372 8.34 33.01 0.99
C ASN B 372 6.87 33.39 0.79
N THR B 373 6.33 34.18 1.70
CA THR B 373 4.93 34.59 1.68
C THR B 373 4.85 36.11 1.65
N ASN B 374 3.97 36.63 0.80
CA ASN B 374 3.77 38.07 0.69
C ASN B 374 2.84 38.54 1.80
N VAL B 375 3.31 39.50 2.60
CA VAL B 375 2.51 40.03 3.71
C VAL B 375 1.97 41.37 3.23
#